data_7DEL
#
_entry.id   7DEL
#
_cell.length_a   35.613
_cell.length_b   66.859
_cell.length_c   62.890
_cell.angle_alpha   90.00
_cell.angle_beta   90.42
_cell.angle_gamma   90.00
#
_symmetry.space_group_name_H-M   'P 1 21 1'
#
loop_
_entity.id
_entity.type
_entity.pdbx_description
1 polymer 'UDP-3-O-acyl-N-acetylglucosamine deacetylase'
2 non-polymer 'ZINC ION'
3 non-polymer 3-[4-[2-[3-[[2-[(1~{S})-1-oxidanylethyl]imidazol-1-yl]methyl]-1,2-oxazol-5-yl]ethynyl]phenyl]propan-1-ol
4 water water
#
_entity_poly.entity_id   1
_entity_poly.type   'polypeptide(L)'
_entity_poly.pdbx_seq_one_letter_code
;MIKQRTLKNIIRATGVGLHSGEKVYLTLKPAPVDTGIVFSRTDLDPVVEIPARAENVGETTMSTTLVKGDVKVDTVEHLL
SAMAGLGIDNAYVELSASEVPIMDGSAGPFVFLIQSAGLQEQEAAKKFIRIKREVSVEEGDKRAVFVPFDGFKVSFEIDF
DHPVFRGRTQQASVDFSSTSFVKEVSRARTFGFMRDIEYLRSQNLALGGSVENAIVVDENRVLNEDGLRYEDEFVKHKIL
DAIGDLYLLGNSLIGEFRGFKSGHALNNQLLRTLIADKDAWEVVTFEDARTAPISYMRP
;
_entity_poly.pdbx_strand_id   A
#
# COMPACT_ATOMS: atom_id res chain seq x y z
N MET A 1 0.52 9.96 24.81
CA MET A 1 1.10 10.32 23.49
C MET A 1 0.69 9.29 22.46
N ILE A 2 0.84 9.62 21.18
CA ILE A 2 0.59 8.62 20.16
C ILE A 2 1.86 7.81 20.07
N LYS A 3 1.74 6.54 20.42
CA LYS A 3 2.84 5.60 20.52
C LYS A 3 3.02 4.75 19.30
N GLN A 4 4.26 4.36 19.06
CA GLN A 4 4.57 3.40 17.97
C GLN A 4 3.90 2.06 18.28
N ARG A 5 3.63 1.32 17.20
CA ARG A 5 3.01 0.02 17.26
C ARG A 5 3.74 -1.04 16.43
N THR A 6 3.66 -2.25 16.97
CA THR A 6 4.13 -3.43 16.28
C THR A 6 3.08 -4.51 16.46
N LEU A 7 3.33 -5.70 15.91
CA LEU A 7 2.45 -6.84 16.15
C LEU A 7 2.65 -7.39 17.58
N LYS A 8 1.58 -7.88 18.13
CA LYS A 8 1.58 -8.55 19.40
C LYS A 8 2.13 -9.99 19.28
N ASN A 9 1.83 -10.68 18.18
CA ASN A 9 2.23 -12.05 17.86
C ASN A 9 2.66 -12.15 16.40
N ILE A 10 3.35 -13.23 16.13
CA ILE A 10 3.73 -13.60 14.78
C ILE A 10 2.51 -14.15 14.03
N ILE A 11 2.42 -13.87 12.75
CA ILE A 11 1.42 -14.56 11.89
C ILE A 11 1.94 -14.99 10.56
N ARG A 12 1.33 -16.05 10.07
CA ARG A 12 1.76 -16.71 8.88
C ARG A 12 0.63 -16.81 7.91
N ALA A 13 1.00 -16.79 6.65
CA ALA A 13 0.06 -16.97 5.57
C ALA A 13 0.73 -17.51 4.37
N THR A 14 -0.04 -18.13 3.51
CA THR A 14 0.54 -18.66 2.28
C THR A 14 -0.34 -18.21 1.14
N GLY A 15 0.24 -18.19 -0.07
CA GLY A 15 -0.49 -17.81 -1.27
C GLY A 15 0.43 -17.77 -2.50
N VAL A 16 -0.04 -17.10 -3.54
CA VAL A 16 0.67 -17.01 -4.81
C VAL A 16 0.98 -15.56 -5.22
N GLY A 17 2.17 -15.30 -5.76
CA GLY A 17 2.46 -14.01 -6.37
C GLY A 17 1.64 -13.76 -7.65
N LEU A 18 1.00 -12.60 -7.69
CA LEU A 18 0.27 -12.15 -8.86
C LEU A 18 1.08 -12.18 -10.13
N HIS A 19 2.25 -11.59 -10.08
CA HIS A 19 3.07 -11.53 -11.26
C HIS A 19 3.85 -12.77 -11.52
N SER A 20 4.57 -13.27 -10.54
CA SER A 20 5.41 -14.45 -10.73
C SER A 20 4.66 -15.77 -10.82
N GLY A 21 3.44 -15.85 -10.23
CA GLY A 21 2.75 -17.12 -10.13
C GLY A 21 3.35 -18.14 -9.15
N GLU A 22 4.29 -17.74 -8.30
CA GLU A 22 4.99 -18.67 -7.39
C GLU A 22 4.30 -18.78 -6.05
N LYS A 23 4.27 -20.00 -5.53
CA LYS A 23 3.83 -20.23 -4.14
C LYS A 23 4.81 -19.56 -3.22
N VAL A 24 4.28 -18.77 -2.28
CA VAL A 24 5.10 -18.06 -1.32
C VAL A 24 4.47 -18.18 0.05
N TYR A 25 5.32 -18.29 1.07
CA TYR A 25 4.94 -18.35 2.47
C TYR A 25 5.35 -17.02 3.10
N LEU A 26 4.44 -16.45 3.84
CA LEU A 26 4.61 -15.12 4.40
C LEU A 26 4.58 -15.19 5.93
N THR A 27 5.57 -14.56 6.57
CA THR A 27 5.62 -14.44 8.03
C THR A 27 5.79 -12.99 8.48
N LEU A 28 4.80 -12.50 9.24
CA LEU A 28 4.85 -11.15 9.79
C LEU A 28 5.27 -11.26 11.24
N LYS A 29 6.33 -10.56 11.59
CA LYS A 29 6.85 -10.61 12.94
C LYS A 29 6.93 -9.23 13.58
N PRO A 30 6.83 -9.19 14.93
CA PRO A 30 7.04 -7.93 15.63
C PRO A 30 8.48 -7.45 15.47
N ALA A 31 8.68 -6.16 15.66
CA ALA A 31 9.99 -5.55 15.55
C ALA A 31 10.09 -4.42 16.55
N PRO A 32 11.32 -4.09 16.98
CA PRO A 32 11.53 -3.03 17.99
C PRO A 32 11.21 -1.63 17.47
N VAL A 33 11.23 -0.66 18.38
CA VAL A 33 10.96 0.69 18.01
C VAL A 33 11.94 1.24 16.95
N ASP A 34 11.41 2.04 16.03
CA ASP A 34 12.17 2.70 14.96
C ASP A 34 12.82 1.74 13.95
N THR A 35 12.36 0.49 13.91
CA THR A 35 12.75 -0.41 12.85
C THR A 35 12.12 -0.03 11.50
N GLY A 36 10.87 0.39 11.52
CA GLY A 36 10.12 0.54 10.28
C GLY A 36 9.69 -0.83 9.78
N ILE A 37 9.25 -0.90 8.55
CA ILE A 37 8.84 -2.15 7.92
C ILE A 37 10.04 -2.61 7.12
N VAL A 38 10.49 -3.83 7.42
CA VAL A 38 11.62 -4.46 6.71
C VAL A 38 11.23 -5.83 6.07
N PHE A 39 11.41 -5.95 4.77
CA PHE A 39 11.14 -7.19 4.07
C PHE A 39 12.39 -8.09 4.06
N SER A 40 12.17 -9.39 4.14
CA SER A 40 13.29 -10.33 4.24
C SER A 40 13.07 -11.58 3.37
N ARG A 41 13.98 -11.82 2.46
CA ARG A 41 13.92 -12.98 1.58
C ARG A 41 14.66 -14.13 2.29
N THR A 42 13.91 -15.00 2.94
CA THR A 42 14.51 -16.03 3.80
C THR A 42 14.81 -17.32 2.99
N ASP A 43 14.40 -17.37 1.72
CA ASP A 43 14.85 -18.43 0.79
C ASP A 43 16.27 -18.26 0.31
N LEU A 44 16.90 -17.10 0.49
CA LEU A 44 18.26 -16.91 0.04
C LEU A 44 19.20 -17.15 1.19
N ASP A 45 20.43 -17.53 0.84
CA ASP A 45 21.49 -17.74 1.83
C ASP A 45 22.75 -17.02 1.38
N PRO A 46 23.16 -15.98 2.11
CA PRO A 46 22.45 -15.40 3.27
C PRO A 46 21.15 -14.64 2.91
N VAL A 47 20.27 -14.60 3.91
CA VAL A 47 19.00 -13.87 3.91
C VAL A 47 19.25 -12.44 3.50
N VAL A 48 18.42 -11.90 2.62
CA VAL A 48 18.58 -10.56 2.08
C VAL A 48 17.38 -9.74 2.58
N GLU A 49 17.70 -8.58 3.14
CA GLU A 49 16.70 -7.72 3.81
C GLU A 49 16.59 -6.38 3.10
N ILE A 50 15.37 -5.97 2.79
CA ILE A 50 15.15 -4.69 2.12
C ILE A 50 14.14 -3.84 2.93
N PRO A 51 14.62 -2.76 3.56
CA PRO A 51 13.70 -1.85 4.23
C PRO A 51 12.72 -1.25 3.26
N ALA A 52 11.49 -1.14 3.70
CA ALA A 52 10.42 -0.66 2.83
C ALA A 52 10.48 0.87 2.87
N ARG A 53 11.33 1.42 2.00
CA ARG A 53 11.58 2.86 1.91
C ARG A 53 11.63 3.27 0.46
N ALA A 54 11.30 4.54 0.21
CA ALA A 54 11.21 5.08 -1.16
C ALA A 54 12.51 4.85 -1.96
N GLU A 55 13.65 5.02 -1.29
CA GLU A 55 14.98 4.77 -1.89
C GLU A 55 15.19 3.35 -2.39
N ASN A 56 14.47 2.37 -1.87
CA ASN A 56 14.69 0.98 -2.35
C ASN A 56 13.72 0.54 -3.42
N VAL A 57 12.84 1.44 -3.87
CA VAL A 57 11.91 1.07 -4.92
C VAL A 57 12.72 0.99 -6.23
N GLY A 58 12.72 -0.17 -6.89
CA GLY A 58 13.46 -0.35 -8.12
C GLY A 58 12.65 -0.45 -9.42
N GLU A 59 11.39 -0.83 -9.32
CA GLU A 59 10.55 -1.00 -10.51
C GLU A 59 9.15 -0.63 -10.08
N THR A 60 8.44 -0.01 -11.02
CA THR A 60 7.10 0.49 -10.82
C THR A 60 6.24 0.16 -12.03
N THR A 61 6.44 -1.00 -12.65
CA THR A 61 5.60 -1.39 -13.74
C THR A 61 4.55 -2.41 -13.25
N MET A 62 3.31 -1.93 -13.13
CA MET A 62 2.18 -2.70 -12.69
C MET A 62 2.29 -3.23 -11.24
N SER A 63 3.28 -2.77 -10.48
CA SER A 63 3.39 -3.06 -9.05
C SER A 63 4.52 -2.23 -8.53
N THR A 64 4.72 -2.23 -7.23
CA THR A 64 5.82 -1.51 -6.63
C THR A 64 6.83 -2.56 -6.15
N THR A 65 8.02 -2.53 -6.72
CA THR A 65 9.05 -3.53 -6.47
C THR A 65 10.22 -2.94 -5.72
N LEU A 66 10.49 -3.52 -4.57
CA LEU A 66 11.71 -3.25 -3.84
C LEU A 66 12.85 -4.06 -4.46
N VAL A 67 14.02 -3.45 -4.52
CA VAL A 67 15.20 -4.01 -5.20
C VAL A 67 16.45 -3.65 -4.42
N LYS A 68 17.31 -4.65 -4.18
CA LYS A 68 18.62 -4.46 -3.57
C LYS A 68 19.55 -5.35 -4.35
N GLY A 69 20.36 -4.75 -5.20
CA GLY A 69 21.15 -5.47 -6.16
C GLY A 69 20.30 -6.26 -7.13
N ASP A 70 20.52 -7.56 -7.12
CA ASP A 70 19.80 -8.50 -7.99
C ASP A 70 18.61 -9.20 -7.34
N VAL A 71 18.24 -8.72 -6.17
CA VAL A 71 17.23 -9.32 -5.36
C VAL A 71 16.07 -8.37 -5.26
N LYS A 72 14.89 -8.91 -5.52
CA LYS A 72 13.68 -8.12 -5.49
C LYS A 72 12.63 -8.67 -4.51
N VAL A 73 11.81 -7.76 -4.03
CA VAL A 73 10.54 -8.08 -3.36
C VAL A 73 9.43 -7.35 -4.13
N ASP A 74 8.65 -8.10 -4.90
CA ASP A 74 7.64 -7.51 -5.77
C ASP A 74 6.26 -7.39 -5.10
N THR A 75 5.48 -6.40 -5.57
CA THR A 75 4.08 -6.20 -5.18
C THR A 75 3.95 -6.03 -3.65
N VAL A 76 4.62 -5.00 -3.15
CA VAL A 76 4.53 -4.67 -1.73
C VAL A 76 3.31 -3.83 -1.30
N GLU A 77 2.65 -3.19 -2.28
CA GLU A 77 1.70 -2.14 -2.04
C GLU A 77 0.44 -2.54 -1.25
N HIS A 78 -0.13 -3.71 -1.49
CA HIS A 78 -1.37 -4.08 -0.79
C HIS A 78 -1.07 -4.42 0.66
N LEU A 79 0.03 -5.11 0.89
CA LEU A 79 0.41 -5.41 2.27
C LEU A 79 0.75 -4.12 2.99
N LEU A 80 1.52 -3.25 2.33
CA LEU A 80 1.90 -1.99 2.99
C LEU A 80 0.69 -1.10 3.29
N SER A 81 -0.32 -1.18 2.39
CA SER A 81 -1.59 -0.51 2.62
C SER A 81 -2.25 -0.95 3.93
N ALA A 82 -2.27 -2.25 4.17
CA ALA A 82 -2.89 -2.85 5.38
C ALA A 82 -2.15 -2.42 6.63
N MET A 83 -0.82 -2.39 6.57
CA MET A 83 0.04 -1.94 7.70
C MET A 83 -0.23 -0.50 8.08
N ALA A 84 -0.32 0.34 7.05
CA ALA A 84 -0.59 1.75 7.22
C ALA A 84 -1.98 2.00 7.74
N GLY A 85 -2.98 1.27 7.23
CA GLY A 85 -4.34 1.40 7.69
C GLY A 85 -4.53 1.07 9.17
N LEU A 86 -3.82 0.05 9.66
CA LEU A 86 -3.88 -0.28 11.10
C LEU A 86 -2.76 0.34 11.92
N GLY A 87 -1.94 1.20 11.30
CA GLY A 87 -0.92 1.93 12.03
C GLY A 87 0.25 1.12 12.53
N ILE A 88 0.70 0.12 11.78
CA ILE A 88 1.86 -0.64 12.18
C ILE A 88 3.13 0.14 11.80
N ASP A 89 3.92 0.52 12.79
CA ASP A 89 5.19 1.21 12.58
C ASP A 89 6.38 0.28 12.29
N ASN A 90 6.50 -0.80 13.05
CA ASN A 90 7.65 -1.67 13.00
C ASN A 90 7.24 -3.13 12.82
N ALA A 91 7.89 -3.80 11.86
CA ALA A 91 7.55 -5.21 11.54
C ALA A 91 8.58 -5.81 10.57
N TYR A 92 8.91 -7.09 10.77
CA TYR A 92 9.68 -7.87 9.83
C TYR A 92 8.66 -8.64 9.03
N VAL A 93 8.80 -8.60 7.71
CA VAL A 93 7.97 -9.35 6.84
C VAL A 93 8.90 -10.37 6.18
N GLU A 94 8.80 -11.63 6.59
CA GLU A 94 9.57 -12.73 5.88
C GLU A 94 8.82 -13.34 4.71
N LEU A 95 9.53 -13.54 3.59
CA LEU A 95 8.96 -14.18 2.39
C LEU A 95 9.91 -15.26 1.85
N SER A 96 9.31 -16.36 1.39
CA SER A 96 10.04 -17.51 0.87
C SER A 96 10.29 -17.40 -0.66
N ALA A 97 9.88 -16.29 -1.26
CA ALA A 97 10.04 -16.06 -2.69
C ALA A 97 9.99 -14.55 -2.98
N SER A 98 10.20 -14.20 -4.25
CA SER A 98 10.41 -12.83 -4.62
C SER A 98 9.17 -11.90 -4.64
N GLU A 99 7.99 -12.36 -4.20
CA GLU A 99 6.78 -11.56 -4.32
C GLU A 99 5.85 -11.76 -3.14
N VAL A 100 5.26 -10.68 -2.64
CA VAL A 100 4.24 -10.75 -1.60
C VAL A 100 3.06 -11.55 -2.19
N PRO A 101 2.46 -12.45 -1.43
CA PRO A 101 1.25 -13.12 -1.99
C PRO A 101 0.04 -12.19 -2.19
N ILE A 102 -0.65 -12.44 -3.29
CA ILE A 102 -1.79 -11.63 -3.69
C ILE A 102 -3.05 -11.88 -2.86
N MET A 103 -3.15 -13.07 -2.23
CA MET A 103 -4.39 -13.43 -1.46
C MET A 103 -5.63 -13.29 -2.40
N ASP A 104 -6.66 -12.55 -2.00
CA ASP A 104 -7.84 -12.32 -2.81
C ASP A 104 -7.74 -11.07 -3.73
N GLY A 105 -6.55 -10.45 -3.82
CA GLY A 105 -6.35 -9.24 -4.58
C GLY A 105 -6.55 -7.92 -3.83
N SER A 106 -7.08 -7.99 -2.59
CA SER A 106 -7.31 -6.80 -1.76
C SER A 106 -6.40 -6.80 -0.54
N ALA A 107 -6.62 -5.84 0.38
CA ALA A 107 -5.91 -5.79 1.69
C ALA A 107 -6.69 -6.50 2.83
N GLY A 108 -7.91 -7.00 2.54
CA GLY A 108 -8.80 -7.61 3.57
C GLY A 108 -8.11 -8.74 4.30
N PRO A 109 -7.50 -9.67 3.57
CA PRO A 109 -6.86 -10.80 4.26
C PRO A 109 -5.70 -10.36 5.15
N PHE A 110 -4.94 -9.37 4.72
CA PHE A 110 -3.91 -8.75 5.57
C PHE A 110 -4.43 -8.02 6.81
N VAL A 111 -5.43 -7.17 6.65
CA VAL A 111 -5.92 -6.50 7.86
C VAL A 111 -6.49 -7.53 8.85
N PHE A 112 -7.15 -8.56 8.34
CA PHE A 112 -7.69 -9.64 9.17
C PHE A 112 -6.57 -10.38 9.97
N LEU A 113 -5.50 -10.78 9.29
CA LEU A 113 -4.43 -11.49 9.93
C LEU A 113 -3.70 -10.63 10.96
N ILE A 114 -3.45 -9.36 10.62
CA ILE A 114 -2.85 -8.43 11.54
C ILE A 114 -3.66 -8.28 12.81
N GLN A 115 -4.95 -8.06 12.67
CA GLN A 115 -5.77 -7.84 13.84
C GLN A 115 -5.97 -9.12 14.63
N SER A 116 -5.99 -10.28 13.97
CA SER A 116 -5.96 -11.57 14.67
C SER A 116 -4.68 -11.74 15.59
N ALA A 117 -3.51 -11.47 15.03
CA ALA A 117 -2.25 -11.38 15.79
C ALA A 117 -2.34 -10.39 16.94
N GLY A 118 -3.00 -9.27 16.68
CA GLY A 118 -3.18 -8.20 17.64
C GLY A 118 -2.04 -7.22 17.52
N LEU A 119 -2.25 -6.01 18.04
CA LEU A 119 -1.28 -4.96 18.04
C LEU A 119 -0.72 -4.68 19.45
N GLN A 120 0.52 -4.25 19.46
CA GLN A 120 1.27 -3.98 20.63
C GLN A 120 1.86 -2.60 20.52
N GLU A 121 1.40 -1.73 21.42
CA GLU A 121 1.98 -0.41 21.60
C GLU A 121 3.35 -0.46 22.26
N GLN A 122 4.23 0.41 21.79
CA GLN A 122 5.62 0.44 22.24
C GLN A 122 5.87 1.79 22.90
N GLU A 123 6.93 1.85 23.71
CA GLU A 123 7.15 3.03 24.53
C GLU A 123 8.05 4.03 23.81
N ALA A 124 7.57 4.56 22.70
CA ALA A 124 8.29 5.57 21.90
C ALA A 124 7.23 6.28 21.15
N ALA A 125 7.42 7.57 20.95
CA ALA A 125 6.42 8.36 20.30
C ALA A 125 6.48 8.02 18.79
N LYS A 126 5.30 7.93 18.20
CA LYS A 126 5.17 7.70 16.80
C LYS A 126 5.55 9.02 16.11
N LYS A 127 6.32 8.87 15.05
CA LYS A 127 6.75 10.01 14.26
C LYS A 127 5.90 10.14 13.02
N PHE A 128 5.44 11.34 12.76
CA PHE A 128 4.64 11.63 11.61
C PHE A 128 5.35 12.63 10.69
N ILE A 129 5.09 12.48 9.41
CA ILE A 129 5.54 13.48 8.48
C ILE A 129 4.38 14.33 8.16
N ARG A 130 4.45 15.60 8.51
CA ARG A 130 3.41 16.56 8.22
C ARG A 130 3.69 17.38 6.96
N ILE A 131 2.75 17.36 6.02
CA ILE A 131 2.82 18.15 4.79
C ILE A 131 2.57 19.62 5.15
N LYS A 132 3.51 20.51 4.87
CA LYS A 132 3.31 21.94 5.11
C LYS A 132 3.25 22.88 3.88
N ARG A 133 3.57 22.34 2.68
CA ARG A 133 3.42 23.05 1.39
C ARG A 133 2.85 22.08 0.36
N GLU A 134 2.14 22.59 -0.64
CA GLU A 134 1.71 21.77 -1.74
C GLU A 134 2.92 21.23 -2.49
N VAL A 135 2.91 19.95 -2.81
CA VAL A 135 3.96 19.34 -3.62
C VAL A 135 3.25 18.57 -4.68
N SER A 136 3.57 18.82 -5.93
CA SER A 136 2.85 18.25 -7.05
C SER A 136 3.82 17.74 -8.06
N VAL A 137 3.55 16.54 -8.58
CA VAL A 137 4.29 16.05 -9.74
C VAL A 137 3.31 15.70 -10.84
N GLU A 138 3.70 15.98 -12.06
CA GLU A 138 2.88 15.68 -13.21
C GLU A 138 3.72 15.01 -14.26
N GLU A 139 3.03 14.26 -15.11
CA GLU A 139 3.61 13.75 -16.33
C GLU A 139 2.52 13.50 -17.38
N GLY A 140 2.52 14.30 -18.44
CA GLY A 140 1.39 14.41 -19.37
C GLY A 140 0.08 14.75 -18.65
N ASP A 141 -0.93 13.89 -18.79
CA ASP A 141 -2.19 14.15 -18.14
C ASP A 141 -2.36 13.54 -16.72
N LYS A 142 -1.32 12.90 -16.18
CA LYS A 142 -1.42 12.31 -14.86
C LYS A 142 -0.79 13.23 -13.85
N ARG A 143 -1.27 13.17 -12.63
CA ARG A 143 -0.83 14.08 -11.59
C ARG A 143 -0.94 13.43 -10.22
N ALA A 144 -0.02 13.77 -9.33
CA ALA A 144 -0.08 13.30 -7.97
C ALA A 144 0.38 14.42 -7.08
N VAL A 145 -0.37 14.64 -6.00
CA VAL A 145 -0.29 15.90 -5.24
C VAL A 145 -0.41 15.66 -3.75
N PHE A 146 0.48 16.27 -3.00
CA PHE A 146 0.33 16.44 -1.57
C PHE A 146 -0.10 17.85 -1.26
N VAL A 147 -1.10 17.99 -0.39
CA VAL A 147 -1.64 19.26 0.05
C VAL A 147 -1.71 19.22 1.59
N PRO A 148 -1.32 20.32 2.29
CA PRO A 148 -1.48 20.37 3.74
C PRO A 148 -2.93 20.10 4.21
N PHE A 149 -3.07 19.28 5.22
CA PHE A 149 -4.39 18.90 5.67
C PHE A 149 -4.24 18.36 7.07
N ASP A 150 -5.14 18.81 7.93
CA ASP A 150 -5.13 18.46 9.33
C ASP A 150 -5.82 17.12 9.57
N GLY A 151 -5.13 16.04 9.26
CA GLY A 151 -5.68 14.71 9.23
C GLY A 151 -4.96 13.85 8.23
N PHE A 152 -5.65 12.86 7.70
CA PHE A 152 -5.16 12.09 6.58
C PHE A 152 -6.32 11.72 5.65
N LYS A 153 -6.17 12.07 4.38
CA LYS A 153 -7.22 11.99 3.41
C LYS A 153 -6.61 11.66 2.05
N VAL A 154 -7.32 10.85 1.26
CA VAL A 154 -6.92 10.49 -0.08
C VAL A 154 -8.07 10.72 -1.03
N SER A 155 -7.84 11.46 -2.12
CA SER A 155 -8.84 11.68 -3.18
C SER A 155 -8.24 11.11 -4.43
N PHE A 156 -9.03 10.40 -5.19
CA PHE A 156 -8.58 9.81 -6.42
C PHE A 156 -9.60 9.93 -7.54
N GLU A 157 -9.08 10.06 -8.76
CA GLU A 157 -9.90 10.10 -9.92
C GLU A 157 -9.24 9.33 -11.07
N ILE A 158 -10.02 8.40 -11.64
CA ILE A 158 -9.57 7.63 -12.80
C ILE A 158 -10.45 7.93 -14.00
N ASP A 159 -9.90 7.83 -15.17
CA ASP A 159 -10.67 8.02 -16.41
C ASP A 159 -10.25 6.90 -17.36
N PHE A 160 -10.94 5.77 -17.23
CA PHE A 160 -10.80 4.68 -18.16
C PHE A 160 -11.85 4.83 -19.24
N ASP A 161 -11.46 4.59 -20.48
CA ASP A 161 -12.35 4.72 -21.63
C ASP A 161 -13.04 3.37 -21.83
N HIS A 162 -14.04 3.08 -20.99
CA HIS A 162 -14.64 1.74 -20.89
C HIS A 162 -16.10 1.79 -20.41
N PRO A 163 -16.98 0.89 -20.97
CA PRO A 163 -18.40 0.88 -20.64
C PRO A 163 -18.78 0.72 -19.19
N VAL A 164 -17.99 0.01 -18.39
CA VAL A 164 -18.33 -0.18 -16.98
C VAL A 164 -18.38 1.17 -16.17
N PHE A 165 -17.70 2.22 -16.67
CA PHE A 165 -17.78 3.59 -16.12
C PHE A 165 -18.68 4.56 -16.93
N GLN A 170 -14.37 7.83 -12.82
CA GLN A 170 -14.76 7.44 -11.48
C GLN A 170 -13.94 8.13 -10.39
N GLN A 171 -14.58 8.52 -9.30
CA GLN A 171 -13.86 9.24 -8.26
C GLN A 171 -14.34 9.02 -6.85
N ALA A 172 -13.43 9.15 -5.90
CA ALA A 172 -13.74 8.98 -4.52
C ALA A 172 -12.76 9.78 -3.69
N SER A 173 -13.20 10.13 -2.50
CA SER A 173 -12.40 10.85 -1.54
C SER A 173 -12.69 10.31 -0.16
N VAL A 174 -11.66 9.93 0.59
CA VAL A 174 -11.87 9.34 1.91
C VAL A 174 -11.00 10.01 2.95
N ASP A 175 -11.65 10.46 4.01
CA ASP A 175 -10.98 10.99 5.19
C ASP A 175 -10.87 9.90 6.26
N PHE A 176 -9.64 9.46 6.50
CA PHE A 176 -9.41 8.27 7.29
C PHE A 176 -9.47 8.47 8.77
N SER A 177 -9.60 9.74 9.20
CA SER A 177 -9.90 10.03 10.60
C SER A 177 -11.38 9.93 10.91
N SER A 178 -12.23 9.97 9.90
CA SER A 178 -13.66 9.83 10.15
C SER A 178 -14.27 8.61 9.46
N THR A 179 -13.58 7.97 8.51
CA THR A 179 -14.11 6.72 7.95
C THR A 179 -13.09 5.58 7.93
N SER A 180 -13.62 4.38 8.10
CA SER A 180 -12.83 3.19 8.32
C SER A 180 -12.10 2.72 7.04
N PHE A 181 -10.77 2.71 7.07
CA PHE A 181 -9.98 2.02 6.06
C PHE A 181 -10.45 0.59 5.83
N VAL A 182 -10.65 -0.14 6.93
CA VAL A 182 -11.12 -1.53 6.84
C VAL A 182 -12.42 -1.75 6.10
N LYS A 183 -13.45 -1.03 6.49
CA LYS A 183 -14.81 -1.25 5.93
C LYS A 183 -14.95 -0.75 4.51
N GLU A 184 -14.43 0.46 4.29
CA GLU A 184 -14.65 1.20 3.05
C GLU A 184 -13.60 1.06 1.97
N VAL A 185 -12.37 0.63 2.30
CA VAL A 185 -11.29 0.52 1.29
C VAL A 185 -10.63 -0.87 1.21
N SER A 186 -10.40 -1.51 2.36
CA SER A 186 -9.58 -2.75 2.42
C SER A 186 -10.05 -3.89 1.55
N ARG A 187 -11.35 -4.02 1.30
CA ARG A 187 -11.87 -5.11 0.47
C ARG A 187 -11.78 -4.90 -1.07
N ALA A 188 -11.35 -3.73 -1.51
CA ALA A 188 -11.25 -3.41 -2.94
C ALA A 188 -10.12 -4.14 -3.62
N ARG A 189 -10.49 -4.85 -4.66
CA ARG A 189 -9.59 -5.79 -5.31
C ARG A 189 -8.79 -5.20 -6.49
N THR A 190 -7.60 -5.80 -6.64
CA THR A 190 -6.84 -5.78 -7.87
C THR A 190 -7.79 -5.99 -9.05
N PHE A 191 -7.46 -5.35 -10.17
CA PHE A 191 -8.22 -5.48 -11.39
C PHE A 191 -7.35 -5.43 -12.66
N GLY A 192 -7.82 -6.13 -13.67
CA GLY A 192 -7.18 -6.12 -14.98
C GLY A 192 -8.17 -6.32 -16.14
N PHE A 193 -7.83 -5.74 -17.26
CA PHE A 193 -8.63 -5.86 -18.44
C PHE A 193 -8.11 -7.00 -19.31
N MET A 194 -9.05 -7.77 -19.84
CA MET A 194 -8.74 -8.84 -20.83
C MET A 194 -7.97 -8.34 -22.04
N ARG A 195 -8.24 -7.08 -22.41
CA ARG A 195 -7.46 -6.30 -23.37
C ARG A 195 -5.95 -6.48 -23.17
N ASP A 196 -5.52 -6.35 -21.92
CA ASP A 196 -4.10 -6.34 -21.53
C ASP A 196 -3.40 -7.70 -21.39
N ILE A 197 -4.09 -8.79 -21.63
CA ILE A 197 -3.39 -10.10 -21.68
C ILE A 197 -2.34 -10.15 -22.82
N GLU A 198 -2.58 -9.37 -23.87
CA GLU A 198 -1.50 -9.13 -24.86
C GLU A 198 -0.30 -8.53 -24.14
N TYR A 199 -0.50 -7.46 -23.38
CA TYR A 199 0.60 -6.73 -22.77
C TYR A 199 1.26 -7.46 -21.60
N LEU A 200 0.42 -7.92 -20.69
CA LEU A 200 0.85 -8.57 -19.47
C LEU A 200 1.59 -9.86 -19.75
N ARG A 201 0.98 -10.76 -20.50
CA ARG A 201 1.62 -12.03 -20.74
C ARG A 201 2.35 -12.01 -22.08
N SER A 202 2.85 -10.82 -22.46
CA SER A 202 3.99 -10.67 -23.36
C SER A 202 5.21 -10.18 -22.58
N GLN A 203 4.96 -9.49 -21.48
CA GLN A 203 6.01 -9.08 -20.55
C GLN A 203 6.18 -10.09 -19.45
N ASN A 204 5.53 -11.25 -19.58
CA ASN A 204 5.54 -12.29 -18.56
C ASN A 204 5.16 -11.74 -17.17
N LEU A 205 4.07 -10.99 -17.13
CA LEU A 205 3.49 -10.49 -15.90
C LEU A 205 2.13 -11.12 -15.67
N ALA A 206 1.63 -10.96 -14.46
CA ALA A 206 0.33 -11.42 -14.03
C ALA A 206 0.20 -12.96 -14.18
N LEU A 207 1.29 -13.68 -13.97
CA LEU A 207 1.33 -15.13 -14.13
C LEU A 207 0.40 -15.84 -13.20
N GLY A 208 0.23 -15.29 -11.99
CA GLY A 208 -0.70 -15.86 -11.01
C GLY A 208 -2.11 -15.29 -11.02
N GLY A 209 -2.47 -14.52 -12.05
CA GLY A 209 -3.73 -13.78 -12.04
C GLY A 209 -4.88 -14.69 -12.38
N SER A 210 -5.97 -14.56 -11.62
CA SER A 210 -7.25 -15.24 -11.90
C SER A 210 -8.43 -14.48 -11.26
N VAL A 211 -9.66 -14.97 -11.49
CA VAL A 211 -10.86 -14.36 -10.91
C VAL A 211 -10.87 -14.53 -9.40
N GLU A 212 -10.02 -15.42 -8.89
CA GLU A 212 -9.94 -15.65 -7.43
C GLU A 212 -9.21 -14.50 -6.75
N ASN A 213 -8.30 -13.83 -7.47
CA ASN A 213 -7.54 -12.70 -6.89
C ASN A 213 -7.62 -11.37 -7.63
N ALA A 214 -8.57 -11.23 -8.58
CA ALA A 214 -8.73 -10.01 -9.38
C ALA A 214 -10.10 -9.91 -10.06
N ILE A 215 -10.54 -8.67 -10.24
CA ILE A 215 -11.72 -8.37 -11.00
C ILE A 215 -11.21 -8.52 -12.42
N VAL A 216 -11.80 -9.41 -13.20
CA VAL A 216 -11.45 -9.51 -14.63
C VAL A 216 -12.52 -8.84 -15.47
N VAL A 217 -12.12 -7.89 -16.30
CA VAL A 217 -13.08 -7.13 -17.07
C VAL A 217 -12.84 -7.34 -18.56
N ASP A 218 -13.90 -7.70 -19.32
CA ASP A 218 -13.76 -7.76 -20.78
C ASP A 218 -14.14 -6.39 -21.37
N GLU A 219 -14.56 -6.31 -22.63
CA GLU A 219 -14.93 -4.98 -23.16
C GLU A 219 -16.17 -4.33 -22.51
N ASN A 220 -17.04 -5.14 -21.95
CA ASN A 220 -18.29 -4.65 -21.44
C ASN A 220 -18.60 -4.90 -20.00
N ARG A 221 -18.03 -5.93 -19.41
CA ARG A 221 -18.47 -6.32 -18.10
C ARG A 221 -17.41 -7.02 -17.24
N VAL A 222 -17.72 -7.04 -15.96
CA VAL A 222 -16.97 -7.81 -15.00
C VAL A 222 -17.35 -9.24 -15.23
N LEU A 223 -16.36 -10.08 -15.46
CA LEU A 223 -16.59 -11.47 -15.70
C LEU A 223 -16.73 -12.25 -14.42
N ASN A 224 -16.19 -11.75 -13.30
CA ASN A 224 -16.34 -12.47 -12.03
C ASN A 224 -17.84 -12.72 -11.79
N GLU A 225 -18.19 -13.95 -11.47
CA GLU A 225 -19.59 -14.36 -11.31
C GLU A 225 -20.33 -13.57 -10.25
N ASP A 226 -19.73 -13.33 -9.10
CA ASP A 226 -20.40 -12.57 -8.02
C ASP A 226 -20.17 -11.07 -8.07
N GLY A 227 -19.54 -10.57 -9.12
CA GLY A 227 -19.50 -9.13 -9.37
C GLY A 227 -18.61 -8.37 -8.37
N LEU A 228 -19.08 -7.20 -7.96
CA LEU A 228 -18.28 -6.19 -7.27
C LEU A 228 -18.58 -6.11 -5.80
N ARG A 229 -17.55 -5.74 -5.02
CA ARG A 229 -17.65 -5.57 -3.59
C ARG A 229 -18.12 -4.19 -3.19
N TYR A 230 -17.83 -3.23 -4.04
CA TYR A 230 -18.26 -1.87 -3.87
C TYR A 230 -18.66 -1.36 -5.24
N GLU A 231 -19.62 -0.45 -5.29
CA GLU A 231 -20.00 0.14 -6.57
C GLU A 231 -18.84 0.84 -7.28
N ASP A 232 -17.97 1.47 -6.49
CA ASP A 232 -16.79 2.17 -7.00
C ASP A 232 -15.49 1.41 -6.65
N GLU A 233 -15.50 0.11 -6.85
CA GLU A 233 -14.40 -0.72 -6.36
C GLU A 233 -13.05 -0.35 -7.00
N PHE A 234 -13.06 0.02 -8.28
CA PHE A 234 -11.84 0.26 -8.99
C PHE A 234 -11.07 1.44 -8.39
N VAL A 235 -11.80 2.52 -8.19
CA VAL A 235 -11.20 3.73 -7.69
C VAL A 235 -10.79 3.52 -6.22
N LYS A 236 -11.60 2.73 -5.50
CA LYS A 236 -11.28 2.35 -4.12
C LYS A 236 -9.96 1.59 -4.06
N HIS A 237 -9.73 0.70 -5.02
CA HIS A 237 -8.47 0.00 -5.08
C HIS A 237 -7.25 0.87 -5.40
N LYS A 238 -7.43 1.84 -6.27
CA LYS A 238 -6.40 2.82 -6.52
C LYS A 238 -6.03 3.59 -5.26
N ILE A 239 -7.04 3.88 -4.43
CA ILE A 239 -6.79 4.55 -3.15
C ILE A 239 -5.99 3.64 -2.26
N LEU A 240 -6.34 2.37 -2.25
CA LEU A 240 -5.58 1.34 -1.52
C LEU A 240 -4.13 1.23 -1.97
N ASP A 241 -3.91 1.13 -3.29
CA ASP A 241 -2.57 1.21 -3.89
C ASP A 241 -1.79 2.44 -3.44
N ALA A 242 -2.42 3.62 -3.45
CA ALA A 242 -1.70 4.86 -3.11
C ALA A 242 -1.25 4.82 -1.65
N ILE A 243 -2.12 4.35 -0.77
CA ILE A 243 -1.83 4.33 0.64
C ILE A 243 -0.61 3.47 0.88
N GLY A 244 -0.53 2.35 0.14
CA GLY A 244 0.58 1.42 0.17
C GLY A 244 1.86 2.06 -0.30
N ASP A 245 1.81 2.70 -1.47
CA ASP A 245 3.00 3.37 -2.04
C ASP A 245 3.48 4.52 -1.15
N LEU A 246 2.56 5.28 -0.56
CA LEU A 246 2.92 6.40 0.31
C LEU A 246 3.58 5.94 1.61
N TYR A 247 3.33 4.70 2.05
CA TYR A 247 3.90 4.23 3.30
C TYR A 247 5.41 3.95 3.17
N LEU A 248 5.91 3.87 1.93
CA LEU A 248 7.35 3.78 1.64
C LEU A 248 8.13 5.02 2.09
N LEU A 249 7.39 6.06 2.46
CA LEU A 249 7.92 7.24 3.13
C LEU A 249 8.60 6.94 4.46
N GLY A 250 8.18 5.88 5.15
CA GLY A 250 8.85 5.44 6.37
C GLY A 250 8.20 6.01 7.64
N ASN A 251 7.31 6.99 7.48
CA ASN A 251 6.48 7.52 8.53
C ASN A 251 5.09 7.85 7.98
N SER A 252 4.11 7.76 8.84
CA SER A 252 2.75 8.07 8.52
C SER A 252 2.56 9.54 8.21
N LEU A 253 1.61 9.82 7.32
CA LEU A 253 1.38 11.17 6.85
C LEU A 253 0.29 11.95 7.55
N ILE A 254 0.55 13.22 7.71
CA ILE A 254 -0.48 14.20 8.03
C ILE A 254 -0.58 15.13 6.84
N GLY A 255 -1.62 14.91 6.06
CA GLY A 255 -1.87 15.70 4.89
C GLY A 255 -2.89 14.98 4.04
N GLU A 256 -3.01 15.44 2.81
CA GLU A 256 -3.95 14.95 1.86
C GLU A 256 -3.17 14.62 0.62
N PHE A 257 -3.48 13.45 0.06
CA PHE A 257 -2.93 13.06 -1.26
C PHE A 257 -4.10 13.18 -2.27
N ARG A 258 -3.81 13.67 -3.45
CA ARG A 258 -4.79 13.74 -4.57
C ARG A 258 -4.14 13.09 -5.78
N GLY A 259 -4.79 12.06 -6.32
CA GLY A 259 -4.31 11.35 -7.46
C GLY A 259 -5.25 11.56 -8.63
N PHE A 260 -4.66 11.85 -9.80
CA PHE A 260 -5.37 12.03 -11.03
C PHE A 260 -4.69 11.11 -12.05
N LYS A 261 -5.35 9.99 -12.31
CA LYS A 261 -4.79 8.90 -13.11
C LYS A 261 -3.38 8.50 -12.74
N SER A 262 -2.95 8.65 -11.49
CA SER A 262 -1.59 8.24 -11.12
C SER A 262 -1.54 6.74 -10.83
N GLY A 263 -0.32 6.25 -10.62
CA GLY A 263 -0.05 4.84 -10.35
C GLY A 263 1.31 4.76 -9.68
N HIS A 264 1.91 3.57 -9.69
CA HIS A 264 3.09 3.27 -8.87
C HIS A 264 4.26 4.19 -9.17
N ALA A 265 4.48 4.46 -10.47
CA ALA A 265 5.61 5.30 -10.92
C ALA A 265 5.48 6.72 -10.39
N LEU A 266 4.33 7.30 -10.69
CA LEU A 266 4.06 8.69 -10.28
C LEU A 266 3.92 8.86 -8.77
N ASN A 267 3.34 7.88 -8.08
CA ASN A 267 3.35 7.91 -6.58
C ASN A 267 4.75 7.90 -5.98
N ASN A 268 5.64 7.06 -6.51
CA ASN A 268 6.99 7.01 -5.98
C ASN A 268 7.74 8.33 -6.23
N GLN A 269 7.48 8.92 -7.38
CA GLN A 269 8.13 10.17 -7.78
C GLN A 269 7.69 11.30 -6.88
N LEU A 270 6.43 11.29 -6.48
CA LEU A 270 5.95 12.26 -5.52
C LEU A 270 6.70 12.18 -4.23
N LEU A 271 6.86 10.95 -3.75
CA LEU A 271 7.62 10.76 -2.52
C LEU A 271 9.05 11.26 -2.63
N ARG A 272 9.68 10.99 -3.76
CA ARG A 272 11.07 11.43 -3.99
C ARG A 272 11.17 12.96 -4.06
N THR A 273 10.21 13.62 -4.69
CA THR A 273 10.16 15.07 -4.74
C THR A 273 9.87 15.66 -3.37
N LEU A 274 8.99 14.99 -2.62
CA LEU A 274 8.64 15.42 -1.28
C LEU A 274 9.85 15.39 -0.39
N ILE A 275 10.55 14.26 -0.40
CA ILE A 275 11.69 14.04 0.49
C ILE A 275 12.74 15.09 0.21
N ALA A 276 13.00 15.30 -1.08
CA ALA A 276 13.98 16.27 -1.51
C ALA A 276 13.66 17.72 -1.06
N ASP A 277 12.37 18.10 -1.04
CA ASP A 277 11.98 19.45 -0.65
C ASP A 277 11.69 19.55 0.81
N LYS A 278 12.75 19.71 1.56
CA LYS A 278 12.64 19.73 3.03
C LYS A 278 11.79 20.88 3.59
N ASP A 279 11.63 22.02 2.88
CA ASP A 279 10.65 23.06 3.29
C ASP A 279 9.15 22.66 3.26
N ALA A 280 8.84 21.63 2.51
CA ALA A 280 7.47 21.20 2.33
C ALA A 280 6.98 20.24 3.41
N TRP A 281 7.83 19.84 4.36
CA TRP A 281 7.46 18.85 5.36
C TRP A 281 8.33 18.91 6.60
N GLU A 282 7.78 18.34 7.66
CA GLU A 282 8.48 18.25 8.95
C GLU A 282 8.09 16.97 9.70
N VAL A 283 8.98 16.53 10.58
CA VAL A 283 8.68 15.36 11.40
C VAL A 283 8.08 15.87 12.69
N VAL A 284 6.94 15.32 13.09
CA VAL A 284 6.29 15.74 14.34
C VAL A 284 5.79 14.52 15.13
N THR A 285 5.64 14.75 16.43
CA THR A 285 5.11 13.74 17.36
C THR A 285 4.05 14.45 18.19
N PHE A 286 3.27 13.66 18.92
CA PHE A 286 2.14 14.18 19.67
C PHE A 286 2.17 13.57 21.04
N GLU A 287 2.50 14.41 22.00
CA GLU A 287 2.59 14.02 23.37
C GLU A 287 1.21 13.82 23.99
N ASP A 288 0.16 14.33 23.34
CA ASP A 288 -1.20 14.14 23.85
C ASP A 288 -2.03 13.71 22.70
N ALA A 289 -2.47 12.46 22.71
CA ALA A 289 -3.25 11.92 21.60
C ALA A 289 -4.59 12.63 21.39
N ARG A 290 -5.09 13.24 22.45
CA ARG A 290 -6.36 13.94 22.41
C ARG A 290 -6.36 15.18 21.51
N THR A 291 -5.21 15.83 21.34
CA THR A 291 -5.12 17.03 20.50
C THR A 291 -4.55 16.75 19.10
N ALA A 292 -4.20 15.51 18.81
CA ALA A 292 -3.63 15.13 17.53
C ALA A 292 -4.68 15.16 16.42
N PRO A 293 -4.27 15.51 15.19
CA PRO A 293 -5.20 15.60 14.03
C PRO A 293 -5.72 14.26 13.51
N ILE A 294 -4.96 13.19 13.71
CA ILE A 294 -5.39 11.82 13.31
C ILE A 294 -5.65 10.98 14.56
N SER A 295 -6.34 9.84 14.39
CA SER A 295 -6.43 8.80 15.43
C SER A 295 -6.42 7.37 14.89
N TYR A 296 -6.08 6.42 15.76
CA TYR A 296 -6.03 5.00 15.41
C TYR A 296 -6.95 4.15 16.30
N MET A 297 -7.17 2.92 15.85
CA MET A 297 -8.04 1.98 16.59
C MET A 297 -7.32 1.58 17.85
N ARG A 298 -8.06 1.27 18.90
CA ARG A 298 -7.46 0.80 20.14
C ARG A 298 -6.72 -0.52 19.85
N PRO A 299 -5.58 -0.77 20.53
CA PRO A 299 -4.68 -1.87 20.14
C PRO A 299 -5.31 -3.28 20.23
#